data_2AAC
#
_entry.id   2AAC
#
_cell.length_a   39.247
_cell.length_b   93.682
_cell.length_c   49.915
_cell.angle_alpha   90.00
_cell.angle_beta   95.57
_cell.angle_gamma   90.00
#
_symmetry.space_group_name_H-M   'P 1 21 1'
#
loop_
_entity.id
_entity.type
_entity.pdbx_description
1 polymer ARAC
2 non-polymer beta-D-fucopyranose
3 non-polymer 'ACETIC ACID'
4 water water
#
_entity_poly.entity_id   1
_entity_poly.type   'polypeptide(L)'
_entity_poly.pdbx_seq_one_letter_code
;AEAQNDPLLPGYSFNAHLVAGLTPIEANGYLDFFIDRPLGMKGYILNLTIRGQGVVKNQGREFVCRPGDILLFPPGEIHH
YGRHPEAREWYHQWVYFRPRAYWHEWLNWPSIFANTGFFRPDEAHQPHFSDLFGQIINAGQGEGRYSELLAINLLEQLLL
RRMEAINESLHPPMDNR
;
_entity_poly.pdbx_strand_id   A,B
#
# COMPACT_ATOMS: atom_id res chain seq x y z
N ASN A 5 28.19 -1.50 -2.65
CA ASN A 5 28.34 -0.61 -1.45
C ASN A 5 27.21 -0.84 -0.44
N ASP A 6 27.55 -0.58 0.81
CA ASP A 6 26.62 -0.72 1.93
C ASP A 6 26.01 0.65 2.10
N PRO A 7 24.68 0.78 1.96
CA PRO A 7 24.11 2.13 2.14
C PRO A 7 24.27 2.62 3.59
N LEU A 8 24.64 1.71 4.49
CA LEU A 8 24.82 2.04 5.92
C LEU A 8 26.10 2.78 6.25
N LEU A 9 27.00 2.88 5.28
CA LEU A 9 28.25 3.57 5.52
C LEU A 9 28.39 4.76 4.59
N PRO A 10 28.94 5.90 5.08
CA PRO A 10 29.12 7.11 4.27
C PRO A 10 29.76 6.76 2.91
N GLY A 11 29.46 7.54 1.88
CA GLY A 11 30.05 7.27 0.57
C GLY A 11 29.22 6.42 -0.40
N TYR A 12 28.10 5.89 0.07
CA TYR A 12 27.21 5.11 -0.79
C TYR A 12 26.53 6.11 -1.73
N SER A 13 26.51 5.82 -3.02
CA SER A 13 25.88 6.73 -3.97
C SER A 13 24.38 6.59 -4.04
N PHE A 14 23.70 7.59 -3.53
CA PHE A 14 22.26 7.64 -3.58
C PHE A 14 21.92 8.31 -4.91
N ASN A 15 20.67 8.17 -5.35
CA ASN A 15 20.23 8.76 -6.60
C ASN A 15 18.70 8.84 -6.67
N ALA A 16 18.12 8.52 -7.84
CA ALA A 16 16.67 8.58 -7.99
C ALA A 16 15.96 7.35 -7.45
N HIS A 17 16.69 6.26 -7.24
CA HIS A 17 16.08 5.04 -6.72
C HIS A 17 15.87 5.06 -5.22
N LEU A 18 14.73 4.52 -4.80
CA LEU A 18 14.40 4.42 -3.39
C LEU A 18 15.36 3.38 -2.79
N VAL A 19 15.84 3.66 -1.59
CA VAL A 19 16.71 2.73 -0.88
C VAL A 19 16.11 2.74 0.52
N ALA A 20 16.04 1.58 1.15
CA ALA A 20 15.50 1.54 2.50
C ALA A 20 16.37 0.58 3.29
N GLY A 21 16.36 0.74 4.61
CA GLY A 21 17.16 -0.16 5.40
C GLY A 21 16.98 0.06 6.89
N LEU A 22 17.71 -0.73 7.65
CA LEU A 22 17.73 -0.67 9.10
C LEU A 22 19.17 -0.36 9.45
N THR A 23 19.37 0.65 10.28
CA THR A 23 20.72 0.99 10.75
C THR A 23 20.70 0.63 12.23
N PRO A 24 21.20 -0.56 12.56
CA PRO A 24 21.20 -0.99 13.96
C PRO A 24 22.44 -0.50 14.68
N ILE A 25 22.47 0.79 15.03
CA ILE A 25 23.65 1.30 15.72
C ILE A 25 23.83 0.75 17.16
N GLU A 26 25.00 0.18 17.38
CA GLU A 26 25.40 -0.36 18.68
C GLU A 26 26.59 0.50 19.10
N ALA A 27 26.66 0.87 20.37
CA ALA A 27 27.77 1.70 20.86
C ALA A 27 29.06 0.99 20.52
N ASN A 28 30.01 1.72 19.94
CA ASN A 28 31.33 1.25 19.58
C ASN A 28 31.36 0.21 18.46
N GLY A 29 30.20 -0.08 17.86
CA GLY A 29 30.11 -1.02 16.77
C GLY A 29 30.47 -0.28 15.47
N TYR A 30 30.40 -0.99 14.35
CA TYR A 30 30.78 -0.39 13.07
C TYR A 30 29.90 0.72 12.52
N LEU A 31 28.72 0.89 13.10
CA LEU A 31 27.80 1.93 12.66
C LEU A 31 27.71 3.04 13.68
N ASP A 32 28.58 2.99 14.69
CA ASP A 32 28.53 4.02 15.73
C ASP A 32 29.22 5.34 15.36
N PHE A 33 28.68 6.01 14.38
CA PHE A 33 29.18 7.29 13.94
C PHE A 33 27.93 8.06 13.52
N PHE A 34 28.09 9.36 13.36
CA PHE A 34 26.97 10.19 12.97
C PHE A 34 26.85 10.34 11.49
N ILE A 35 25.61 10.37 11.04
CA ILE A 35 25.31 10.65 9.65
C ILE A 35 25.56 12.15 9.66
N ASP A 36 26.32 12.62 8.67
CA ASP A 36 26.67 14.02 8.61
C ASP A 36 26.61 14.49 7.15
N ARG A 37 25.42 14.89 6.74
CA ARG A 37 25.18 15.41 5.38
C ARG A 37 24.68 16.82 5.65
N PRO A 38 25.60 17.74 5.93
CA PRO A 38 25.29 19.15 6.23
C PRO A 38 24.63 19.99 5.16
N LEU A 39 24.70 19.54 3.91
CA LEU A 39 24.02 20.28 2.85
C LEU A 39 22.80 19.45 2.39
N GLY A 40 22.48 18.41 3.16
CA GLY A 40 21.35 17.56 2.83
C GLY A 40 21.55 16.59 1.68
N MET A 41 20.42 16.11 1.14
CA MET A 41 20.40 15.14 0.05
C MET A 41 19.41 15.62 -1.00
N LYS A 42 19.45 14.99 -2.17
CA LYS A 42 18.54 15.35 -3.26
C LYS A 42 17.16 14.80 -2.96
N GLY A 43 17.12 13.62 -2.36
CA GLY A 43 15.84 13.01 -2.04
C GLY A 43 15.41 13.21 -0.61
N TYR A 44 14.29 12.59 -0.27
CA TYR A 44 13.71 12.66 1.05
C TYR A 44 14.10 11.45 1.87
N ILE A 45 14.01 11.57 3.19
CA ILE A 45 14.25 10.43 4.04
C ILE A 45 13.22 10.41 5.15
N LEU A 46 12.63 9.24 5.39
CA LEU A 46 11.73 9.06 6.51
C LEU A 46 12.57 8.19 7.43
N ASN A 47 12.57 8.49 8.72
CA ASN A 47 13.38 7.75 9.68
C ASN A 47 12.48 7.37 10.84
N LEU A 48 12.49 6.09 11.18
CA LEU A 48 11.71 5.62 12.31
C LEU A 48 12.66 4.98 13.29
N THR A 49 12.68 5.48 14.52
CA THR A 49 13.52 4.90 15.56
C THR A 49 12.78 3.68 16.08
N ILE A 50 13.46 2.53 16.13
CA ILE A 50 12.83 1.33 16.64
C ILE A 50 13.44 0.78 17.93
N ARG A 51 14.63 1.25 18.28
CA ARG A 51 15.29 0.81 19.52
C ARG A 51 16.26 1.88 19.95
N GLY A 52 16.44 2.03 21.25
CA GLY A 52 17.37 3.03 21.76
C GLY A 52 16.93 4.45 21.54
N GLN A 53 17.91 5.33 21.43
CA GLN A 53 17.67 6.75 21.25
C GLN A 53 18.70 7.34 20.34
N GLY A 54 18.24 8.31 19.54
CA GLY A 54 19.13 9.00 18.65
C GLY A 54 19.11 10.47 19.00
N VAL A 55 20.15 11.15 18.60
CA VAL A 55 20.22 12.57 18.81
C VAL A 55 20.34 13.16 17.41
N VAL A 56 19.42 14.06 17.11
CA VAL A 56 19.35 14.72 15.83
C VAL A 56 19.80 16.15 16.07
N LYS A 57 20.84 16.53 15.35
CA LYS A 57 21.43 17.83 15.52
C LYS A 57 21.17 18.76 14.38
N ASN A 58 21.04 20.05 14.69
CA ASN A 58 20.82 21.02 13.64
C ASN A 58 21.21 22.40 14.16
N GLN A 59 22.37 22.85 13.71
CA GLN A 59 22.90 24.16 14.05
C GLN A 59 22.83 24.46 15.54
N GLY A 60 23.48 23.57 16.31
CA GLY A 60 23.54 23.73 17.77
C GLY A 60 22.40 23.09 18.54
N ARG A 61 21.26 22.90 17.89
CA ARG A 61 20.12 22.28 18.52
C ARG A 61 20.22 20.76 18.51
N GLU A 62 19.57 20.12 19.47
CA GLU A 62 19.58 18.69 19.52
C GLU A 62 18.16 18.27 19.82
N PHE A 63 17.76 17.16 19.22
CA PHE A 63 16.45 16.61 19.46
C PHE A 63 16.74 15.14 19.72
N VAL A 64 16.11 14.60 20.75
CA VAL A 64 16.31 13.20 21.10
C VAL A 64 15.16 12.42 20.51
N CYS A 65 15.45 11.50 19.61
CA CYS A 65 14.40 10.69 19.01
C CYS A 65 14.35 9.33 19.71
N ARG A 66 13.14 8.87 19.96
CA ARG A 66 12.91 7.62 20.67
C ARG A 66 12.05 6.67 19.83
N PRO A 67 12.00 5.39 20.20
CA PRO A 67 11.20 4.42 19.44
C PRO A 67 9.78 4.94 19.17
N GLY A 68 9.36 4.82 17.91
CA GLY A 68 8.03 5.28 17.53
C GLY A 68 8.04 6.63 16.86
N ASP A 69 9.12 7.39 17.05
CA ASP A 69 9.24 8.70 16.43
C ASP A 69 9.60 8.58 14.97
N ILE A 70 8.91 9.33 14.14
CA ILE A 70 9.20 9.33 12.72
C ILE A 70 9.65 10.73 12.33
N LEU A 71 10.80 10.78 11.65
CA LEU A 71 11.36 12.06 11.22
C LEU A 71 11.33 12.13 9.71
N LEU A 72 11.14 13.33 9.17
CA LEU A 72 11.12 13.53 7.75
C LEU A 72 12.19 14.54 7.42
N PHE A 73 13.09 14.17 6.53
CA PHE A 73 14.17 15.04 6.11
C PHE A 73 13.95 15.34 4.63
N PRO A 74 13.43 16.52 4.31
CA PRO A 74 13.19 16.87 2.91
C PRO A 74 14.52 17.14 2.20
N PRO A 75 14.50 17.21 0.86
CA PRO A 75 15.73 17.46 0.10
C PRO A 75 16.43 18.74 0.62
N GLY A 76 17.75 18.69 0.75
CA GLY A 76 18.51 19.85 1.21
C GLY A 76 18.52 20.01 2.72
N GLU A 77 17.66 19.29 3.41
CA GLU A 77 17.60 19.36 4.86
C GLU A 77 18.90 18.77 5.44
N ILE A 78 19.44 19.41 6.47
CA ILE A 78 20.64 18.86 7.11
C ILE A 78 20.36 17.47 7.70
N HIS A 79 21.30 16.55 7.51
CA HIS A 79 21.22 15.23 8.14
C HIS A 79 22.41 15.21 9.08
N HIS A 80 22.15 15.30 10.36
CA HIS A 80 23.23 15.21 11.34
C HIS A 80 22.64 14.49 12.52
N TYR A 81 22.82 13.19 12.56
CA TYR A 81 22.23 12.44 13.65
C TYR A 81 23.00 11.17 13.92
N GLY A 82 22.85 10.67 15.14
CA GLY A 82 23.56 9.47 15.50
C GLY A 82 23.02 9.01 16.82
N ARG A 83 23.58 7.91 17.31
CA ARG A 83 23.18 7.35 18.59
C ARG A 83 23.31 8.41 19.70
N HIS A 84 22.29 8.51 20.53
CA HIS A 84 22.34 9.45 21.62
C HIS A 84 23.46 8.90 22.52
N PRO A 85 24.39 9.78 22.94
CA PRO A 85 25.51 9.35 23.80
C PRO A 85 25.10 8.65 25.10
N GLU A 86 23.86 8.84 25.51
CA GLU A 86 23.35 8.21 26.72
C GLU A 86 22.70 6.87 26.41
N ALA A 87 22.60 6.51 25.13
CA ALA A 87 21.96 5.26 24.70
C ALA A 87 23.00 4.24 24.29
N ARG A 88 22.73 2.97 24.58
CA ARG A 88 23.66 1.91 24.20
C ARG A 88 23.50 1.61 22.71
N GLU A 89 22.36 2.01 22.15
CA GLU A 89 22.09 1.75 20.74
C GLU A 89 21.07 2.71 20.18
N TRP A 90 21.00 2.74 18.86
CA TRP A 90 20.00 3.53 18.16
C TRP A 90 19.72 2.78 16.87
N TYR A 91 18.66 1.98 16.90
CA TYR A 91 18.27 1.25 15.72
C TYR A 91 17.22 2.09 15.03
N HIS A 92 17.44 2.44 13.79
CA HIS A 92 16.43 3.22 13.10
C HIS A 92 16.23 2.66 11.71
N GLN A 93 14.98 2.64 11.29
CA GLN A 93 14.65 2.21 9.95
C GLN A 93 14.56 3.50 9.14
N TRP A 94 14.84 3.40 7.87
CA TRP A 94 14.81 4.59 7.07
C TRP A 94 14.51 4.25 5.61
N VAL A 95 14.00 5.23 4.88
CA VAL A 95 13.72 5.06 3.47
C VAL A 95 14.03 6.37 2.79
N TYR A 96 14.92 6.27 1.81
CA TYR A 96 15.37 7.39 1.01
C TYR A 96 14.56 7.31 -0.28
N PHE A 97 13.92 8.42 -0.66
CA PHE A 97 13.03 8.40 -1.83
C PHE A 97 12.78 9.72 -2.55
N ARG A 98 12.27 9.60 -3.76
CA ARG A 98 11.86 10.73 -4.56
C ARG A 98 10.36 10.48 -4.55
N PRO A 99 9.58 11.46 -4.11
CA PRO A 99 8.11 11.33 -4.03
C PRO A 99 7.37 11.40 -5.37
N ARG A 100 6.18 10.83 -5.39
CA ARG A 100 5.33 10.96 -6.57
C ARG A 100 4.85 12.40 -6.42
N ALA A 101 4.59 13.05 -7.54
CA ALA A 101 4.18 14.44 -7.55
C ALA A 101 3.06 14.81 -6.61
N TYR A 102 2.04 13.96 -6.54
CA TYR A 102 0.88 14.22 -5.71
C TYR A 102 1.03 13.97 -4.23
N TRP A 103 2.20 13.54 -3.82
CA TRP A 103 2.48 13.31 -2.41
C TRP A 103 2.80 14.61 -1.68
N HIS A 104 3.09 15.67 -2.44
CA HIS A 104 3.49 16.97 -1.86
C HIS A 104 2.71 17.44 -0.65
N GLU A 105 1.38 17.38 -0.73
CA GLU A 105 0.52 17.82 0.37
C GLU A 105 0.55 16.90 1.60
N TRP A 106 1.21 15.76 1.47
CA TRP A 106 1.31 14.80 2.56
C TRP A 106 2.73 14.81 3.13
N LEU A 107 3.56 15.72 2.62
CA LEU A 107 4.94 15.78 3.08
C LEU A 107 5.24 17.08 3.80
N ASN A 108 4.19 17.81 4.17
CA ASN A 108 4.34 19.09 4.88
C ASN A 108 4.09 18.82 6.33
N TRP A 109 5.17 18.43 7.02
CA TRP A 109 5.08 18.09 8.43
C TRP A 109 5.57 19.20 9.36
N PRO A 110 5.09 19.19 10.63
CA PRO A 110 5.50 20.18 11.64
C PRO A 110 6.98 19.86 11.88
N SER A 111 7.79 20.89 12.09
CA SER A 111 9.23 20.70 12.26
C SER A 111 9.75 20.71 13.67
N ILE A 112 10.79 19.91 13.92
CA ILE A 112 11.44 19.95 15.25
C ILE A 112 12.44 21.14 15.22
N PHE A 113 12.93 21.46 14.02
CA PHE A 113 13.80 22.59 13.75
C PHE A 113 13.95 22.69 12.24
N ALA A 114 14.29 23.87 11.75
CA ALA A 114 14.47 24.09 10.32
C ALA A 114 13.25 23.49 9.60
N ASN A 115 13.47 22.53 8.71
CA ASN A 115 12.35 21.89 8.04
C ASN A 115 12.46 20.38 8.22
N THR A 116 12.86 19.96 9.40
CA THR A 116 12.97 18.54 9.73
C THR A 116 11.66 18.17 10.37
N GLY A 117 10.85 17.43 9.62
CA GLY A 117 9.54 17.03 10.07
C GLY A 117 9.52 15.98 11.15
N PHE A 118 8.43 15.98 11.90
CA PHE A 118 8.27 15.05 12.97
C PHE A 118 6.85 14.56 13.04
N PHE A 119 6.71 13.26 13.20
CA PHE A 119 5.43 12.63 13.34
C PHE A 119 5.52 11.55 14.38
N ARG A 120 4.72 11.66 15.44
CA ARG A 120 4.71 10.60 16.40
C ARG A 120 3.30 10.02 16.44
N PRO A 121 3.11 8.83 15.87
CA PRO A 121 1.76 8.24 15.89
C PRO A 121 1.34 8.07 17.35
N ASP A 122 0.05 8.20 17.63
CA ASP A 122 -0.42 7.98 18.99
C ASP A 122 -0.25 6.50 19.34
N GLU A 123 -0.52 6.14 20.57
CA GLU A 123 -0.38 4.76 21.01
C GLU A 123 -1.10 3.73 20.13
N ALA A 124 -2.34 4.02 19.75
CA ALA A 124 -3.11 3.07 18.92
C ALA A 124 -2.48 2.86 17.55
N HIS A 125 -2.01 3.95 16.97
CA HIS A 125 -1.42 3.92 15.64
C HIS A 125 -0.01 3.39 15.57
N GLN A 126 0.73 3.52 16.67
CA GLN A 126 2.12 3.09 16.71
C GLN A 126 2.41 1.73 16.04
N PRO A 127 1.74 0.65 16.48
CA PRO A 127 2.00 -0.66 15.88
C PRO A 127 1.76 -0.71 14.38
N HIS A 128 0.77 0.02 13.91
CA HIS A 128 0.48 0.01 12.47
C HIS A 128 1.57 0.69 11.68
N PHE A 129 2.07 1.80 12.21
CA PHE A 129 3.13 2.51 11.52
C PHE A 129 4.42 1.72 11.60
N SER A 130 4.63 1.05 12.73
CA SER A 130 5.80 0.23 12.95
C SER A 130 5.80 -0.89 11.92
N ASP A 131 4.65 -1.56 11.79
CA ASP A 131 4.55 -2.65 10.84
C ASP A 131 4.71 -2.18 9.41
N LEU A 132 4.05 -1.06 9.09
CA LEU A 132 4.10 -0.53 7.74
C LEU A 132 5.52 -0.10 7.38
N PHE A 133 6.20 0.52 8.33
CA PHE A 133 7.57 0.92 8.10
C PHE A 133 8.42 -0.31 7.81
N GLY A 134 8.19 -1.38 8.56
CA GLY A 134 8.91 -2.63 8.35
C GLY A 134 8.64 -3.18 6.95
N GLN A 135 7.40 -3.05 6.47
CA GLN A 135 7.01 -3.53 5.12
C GLN A 135 7.73 -2.73 4.07
N ILE A 136 7.85 -1.42 4.30
CA ILE A 136 8.57 -0.57 3.37
C ILE A 136 10.00 -1.07 3.23
N ILE A 137 10.66 -1.33 4.35
CA ILE A 137 12.03 -1.81 4.32
C ILE A 137 12.10 -3.15 3.58
N ASN A 138 11.22 -4.07 3.97
CA ASN A 138 11.17 -5.38 3.35
C ASN A 138 11.03 -5.27 1.82
N ALA A 139 10.09 -4.44 1.37
CA ALA A 139 9.86 -4.25 -0.07
C ALA A 139 11.07 -3.58 -0.71
N GLY A 140 11.51 -2.50 -0.08
CA GLY A 140 12.62 -1.72 -0.59
C GLY A 140 13.89 -2.51 -0.74
N GLN A 141 14.08 -3.50 0.13
CA GLN A 141 15.28 -4.33 0.06
C GLN A 141 15.05 -5.57 -0.79
N GLY A 142 13.83 -5.73 -1.28
CA GLY A 142 13.49 -6.86 -2.10
C GLY A 142 14.31 -6.96 -3.36
N GLU A 143 14.40 -8.17 -3.90
CA GLU A 143 15.18 -8.44 -5.09
C GLU A 143 14.42 -8.20 -6.39
N GLY A 144 13.11 -8.46 -6.36
CA GLY A 144 12.27 -8.31 -7.53
C GLY A 144 12.27 -7.01 -8.32
N ARG A 145 11.70 -7.11 -9.51
CA ARG A 145 11.58 -5.99 -10.42
C ARG A 145 10.50 -5.00 -9.97
N TYR A 146 9.70 -5.40 -9.00
CA TYR A 146 8.61 -4.54 -8.51
C TYR A 146 8.84 -4.14 -7.06
N SER A 147 10.02 -4.49 -6.54
CA SER A 147 10.39 -4.17 -5.16
C SER A 147 10.34 -2.67 -4.86
N GLU A 148 10.93 -1.87 -5.75
CA GLU A 148 10.94 -0.44 -5.56
C GLU A 148 9.55 0.15 -5.64
N LEU A 149 8.77 -0.30 -6.62
CA LEU A 149 7.42 0.20 -6.80
C LEU A 149 6.59 -0.13 -5.57
N LEU A 150 6.77 -1.35 -5.07
CA LEU A 150 6.06 -1.80 -3.88
C LEU A 150 6.49 -0.94 -2.67
N ALA A 151 7.77 -0.65 -2.54
CA ALA A 151 8.25 0.21 -1.43
C ALA A 151 7.63 1.60 -1.55
N ILE A 152 7.63 2.16 -2.76
CA ILE A 152 7.05 3.47 -3.02
C ILE A 152 5.57 3.45 -2.62
N ASN A 153 4.88 2.39 -3.04
CA ASN A 153 3.48 2.22 -2.74
C ASN A 153 3.24 2.20 -1.23
N LEU A 154 4.06 1.41 -0.52
CA LEU A 154 3.93 1.29 0.92
C LEU A 154 4.24 2.62 1.62
N LEU A 155 5.20 3.36 1.07
CA LEU A 155 5.55 4.67 1.58
C LEU A 155 4.34 5.60 1.42
N GLU A 156 3.73 5.56 0.23
CA GLU A 156 2.55 6.37 -0.03
C GLU A 156 1.50 6.03 1.04
N GLN A 157 1.35 4.74 1.32
CA GLN A 157 0.39 4.31 2.32
C GLN A 157 0.73 4.96 3.66
N LEU A 158 2.00 4.93 4.04
CA LEU A 158 2.39 5.54 5.32
C LEU A 158 2.02 7.02 5.34
N LEU A 159 2.33 7.74 4.26
CA LEU A 159 2.00 9.15 4.18
C LEU A 159 0.50 9.37 4.33
N LEU A 160 -0.29 8.54 3.64
CA LEU A 160 -1.73 8.65 3.71
C LEU A 160 -2.26 8.23 5.08
N ARG A 161 -1.65 7.23 5.70
CA ARG A 161 -2.06 6.77 7.05
C ARG A 161 -1.78 7.92 8.03
N ARG A 162 -0.73 8.70 7.78
CA ARG A 162 -0.43 9.84 8.63
C ARG A 162 -1.47 10.93 8.41
N MET A 163 -1.81 11.21 7.16
CA MET A 163 -2.80 12.23 6.83
C MET A 163 -4.11 11.83 7.48
N GLU A 164 -4.44 10.55 7.38
CA GLU A 164 -5.65 10.03 7.97
C GLU A 164 -5.60 10.16 9.50
N ALA A 165 -4.48 9.81 10.10
CA ALA A 165 -4.32 9.87 11.55
C ALA A 165 -4.43 11.27 12.12
N ILE A 166 -3.82 12.25 11.47
CA ILE A 166 -3.88 13.61 11.99
C ILE A 166 -5.17 14.35 11.61
N ASN A 167 -5.93 13.80 10.66
CA ASN A 167 -7.18 14.42 10.26
C ASN A 167 -8.34 13.71 10.96
N ASN B 5 -28.02 4.68 -2.18
CA ASN B 5 -28.60 3.31 -2.31
C ASN B 5 -27.55 2.25 -2.06
N ASP B 6 -28.02 1.00 -2.01
CA ASP B 6 -27.17 -0.15 -1.76
C ASP B 6 -26.45 -0.53 -3.06
N PRO B 7 -25.09 -0.45 -3.07
CA PRO B 7 -24.36 -0.81 -4.29
C PRO B 7 -24.52 -2.27 -4.69
N LEU B 8 -25.04 -3.09 -3.77
CA LEU B 8 -25.26 -4.51 -4.07
C LEU B 8 -26.54 -4.73 -4.86
N LEU B 9 -27.35 -3.68 -4.99
CA LEU B 9 -28.63 -3.78 -5.69
C LEU B 9 -28.75 -2.74 -6.80
N PRO B 10 -29.75 -2.89 -7.69
CA PRO B 10 -29.90 -1.91 -8.77
C PRO B 10 -30.13 -0.49 -8.26
N GLY B 11 -29.82 0.49 -9.09
CA GLY B 11 -30.05 1.88 -8.73
C GLY B 11 -28.86 2.59 -8.12
N TYR B 12 -27.70 1.94 -8.15
CA TYR B 12 -26.50 2.56 -7.62
C TYR B 12 -25.60 3.01 -8.77
N SER B 13 -25.13 4.24 -8.71
CA SER B 13 -24.29 4.78 -9.74
C SER B 13 -22.80 4.57 -9.49
N PHE B 14 -22.16 3.85 -10.40
CA PHE B 14 -20.73 3.61 -10.34
C PHE B 14 -20.21 4.44 -11.51
N ASN B 15 -19.28 5.34 -11.24
CA ASN B 15 -18.76 6.19 -12.29
C ASN B 15 -17.27 6.48 -12.10
N ALA B 16 -16.96 7.59 -11.42
CA ALA B 16 -15.58 7.96 -11.20
C ALA B 16 -14.98 7.59 -9.84
N HIS B 17 -15.79 7.58 -8.79
CA HIS B 17 -15.26 7.26 -7.49
C HIS B 17 -15.15 5.79 -7.21
N LEU B 18 -14.13 5.45 -6.43
CA LEU B 18 -13.91 4.07 -6.05
C LEU B 18 -15.05 3.65 -5.13
N VAL B 19 -15.52 2.42 -5.30
CA VAL B 19 -16.55 1.88 -4.45
C VAL B 19 -16.09 0.46 -4.19
N ALA B 20 -16.23 -0.01 -2.97
CA ALA B 20 -15.80 -1.36 -2.65
C ALA B 20 -16.85 -1.99 -1.74
N GLY B 21 -16.92 -3.31 -1.76
CA GLY B 21 -17.89 -3.98 -0.93
C GLY B 21 -17.76 -5.48 -0.99
N LEU B 22 -18.65 -6.15 -0.28
CA LEU B 22 -18.70 -7.59 -0.20
C LEU B 22 -20.12 -7.97 -0.60
N THR B 23 -20.24 -8.87 -1.57
CA THR B 23 -21.56 -9.33 -1.98
C THR B 23 -21.69 -10.76 -1.45
N PRO B 24 -22.43 -10.93 -0.35
CA PRO B 24 -22.60 -12.25 0.23
C PRO B 24 -23.78 -13.00 -0.35
N ILE B 25 -23.63 -13.50 -1.59
CA ILE B 25 -24.75 -14.20 -2.18
C ILE B 25 -25.03 -15.55 -1.54
N GLU B 26 -26.27 -15.74 -1.15
CA GLU B 26 -26.72 -17.00 -0.57
C GLU B 26 -27.95 -17.44 -1.36
N ALA B 27 -27.97 -18.70 -1.73
CA ALA B 27 -29.08 -19.24 -2.50
C ALA B 27 -30.42 -18.85 -1.89
N ASN B 28 -31.29 -18.34 -2.74
CA ASN B 28 -32.64 -17.94 -2.37
C ASN B 28 -32.75 -16.73 -1.48
N GLY B 29 -31.62 -16.08 -1.22
CA GLY B 29 -31.60 -14.90 -0.40
C GLY B 29 -31.81 -13.63 -1.19
N TYR B 30 -31.76 -12.49 -0.51
CA TYR B 30 -32.01 -11.21 -1.15
C TYR B 30 -31.01 -10.80 -2.24
N LEU B 31 -29.87 -11.48 -2.31
CA LEU B 31 -28.86 -11.12 -3.31
C LEU B 31 -28.69 -12.21 -4.35
N ASP B 32 -29.58 -13.20 -4.32
CA ASP B 32 -29.48 -14.32 -5.24
C ASP B 32 -29.97 -14.00 -6.66
N PHE B 33 -29.20 -13.17 -7.35
CA PHE B 33 -29.50 -12.79 -8.73
C PHE B 33 -28.17 -12.51 -9.36
N PHE B 34 -28.13 -12.54 -10.68
CA PHE B 34 -26.90 -12.31 -11.39
C PHE B 34 -26.66 -10.86 -11.65
N ILE B 35 -25.39 -10.52 -11.70
CA ILE B 35 -24.99 -9.19 -12.10
C ILE B 35 -25.13 -9.39 -13.62
N ASP B 36 -25.73 -8.41 -14.31
CA ASP B 36 -25.96 -8.53 -15.73
C ASP B 36 -25.87 -7.16 -16.36
N ARG B 37 -24.64 -6.76 -16.69
CA ARG B 37 -24.37 -5.47 -17.30
C ARG B 37 -23.67 -5.79 -18.63
N PRO B 38 -24.47 -6.11 -19.66
CA PRO B 38 -23.90 -6.43 -20.96
C PRO B 38 -23.10 -5.30 -21.61
N LEU B 39 -23.41 -4.06 -21.26
CA LEU B 39 -22.68 -2.94 -21.80
C LEU B 39 -21.50 -2.59 -20.91
N GLY B 40 -21.33 -3.34 -19.82
CA GLY B 40 -20.21 -3.06 -18.95
C GLY B 40 -20.32 -1.84 -18.06
N MET B 41 -19.20 -1.48 -17.45
CA MET B 41 -19.12 -0.37 -16.52
C MET B 41 -18.17 0.74 -16.96
N LYS B 42 -18.23 1.84 -16.23
CA LYS B 42 -17.42 3.02 -16.48
C LYS B 42 -16.07 3.00 -15.81
N GLY B 43 -15.70 1.84 -15.29
CA GLY B 43 -14.44 1.68 -14.60
C GLY B 43 -14.15 0.20 -14.46
N TYR B 44 -13.09 -0.13 -13.74
CA TYR B 44 -12.68 -1.49 -13.54
C TYR B 44 -13.31 -2.10 -12.32
N ILE B 45 -13.35 -3.42 -12.32
CA ILE B 45 -13.80 -4.17 -11.16
C ILE B 45 -12.79 -5.29 -10.88
N LEU B 46 -12.39 -5.42 -9.62
CA LEU B 46 -11.54 -6.52 -9.20
C LEU B 46 -12.53 -7.27 -8.30
N ASN B 47 -12.62 -8.58 -8.48
CA ASN B 47 -13.53 -9.44 -7.72
C ASN B 47 -12.75 -10.60 -7.13
N LEU B 48 -12.83 -10.76 -5.80
CA LEU B 48 -12.19 -11.88 -5.11
C LEU B 48 -13.29 -12.75 -4.53
N THR B 49 -13.28 -14.04 -4.88
CA THR B 49 -14.25 -14.96 -4.33
C THR B 49 -13.75 -15.38 -2.96
N ILE B 50 -14.60 -15.24 -1.95
CA ILE B 50 -14.18 -15.62 -0.61
C ILE B 50 -14.92 -16.84 -0.07
N ARG B 51 -16.12 -17.14 -0.59
CA ARG B 51 -16.87 -18.34 -0.16
C ARG B 51 -17.70 -18.81 -1.33
N GLY B 52 -17.95 -20.11 -1.37
CA GLY B 52 -18.78 -20.68 -2.42
C GLY B 52 -18.14 -20.66 -3.79
N GLN B 53 -18.99 -20.61 -4.81
CA GLN B 53 -18.51 -20.59 -6.18
C GLN B 53 -19.41 -19.70 -7.00
N GLY B 54 -18.81 -19.02 -7.96
CA GLY B 54 -19.59 -18.19 -8.85
C GLY B 54 -19.42 -18.74 -10.26
N VAL B 55 -20.31 -18.32 -11.15
CA VAL B 55 -20.20 -18.71 -12.52
C VAL B 55 -20.15 -17.38 -13.27
N VAL B 56 -19.10 -17.22 -14.06
CA VAL B 56 -18.89 -16.02 -14.85
C VAL B 56 -19.25 -16.43 -16.28
N LYS B 57 -20.20 -15.69 -16.85
CA LYS B 57 -20.72 -15.96 -18.18
C LYS B 57 -20.31 -14.90 -19.16
N ASN B 58 -20.05 -15.33 -20.38
CA ASN B 58 -19.67 -14.38 -21.39
C ASN B 58 -19.92 -15.01 -22.74
N GLN B 59 -20.96 -14.51 -23.41
CA GLN B 59 -21.32 -14.97 -24.74
C GLN B 59 -21.28 -16.50 -24.89
N GLY B 60 -22.03 -17.17 -24.03
CA GLY B 60 -22.12 -18.62 -24.09
C GLY B 60 -21.06 -19.39 -23.32
N ARG B 61 -20.01 -18.71 -22.91
CA ARG B 61 -18.95 -19.36 -22.16
C ARG B 61 -19.17 -19.17 -20.68
N GLU B 62 -18.71 -20.14 -19.89
CA GLU B 62 -18.86 -20.10 -18.45
C GLU B 62 -17.56 -20.46 -17.80
N PHE B 63 -17.27 -19.79 -16.69
CA PHE B 63 -16.08 -20.06 -15.94
C PHE B 63 -16.47 -20.05 -14.47
N VAL B 64 -16.13 -21.11 -13.77
CA VAL B 64 -16.44 -21.21 -12.35
C VAL B 64 -15.32 -20.61 -11.53
N CYS B 65 -15.64 -19.61 -10.72
CA CYS B 65 -14.65 -18.98 -9.85
C CYS B 65 -14.84 -19.58 -8.45
N ARG B 66 -13.72 -19.81 -7.77
CA ARG B 66 -13.70 -20.44 -6.47
C ARG B 66 -12.95 -19.55 -5.45
N PRO B 67 -13.09 -19.85 -4.15
CA PRO B 67 -12.39 -19.02 -3.16
C PRO B 67 -10.90 -18.83 -3.46
N GLY B 68 -10.47 -17.56 -3.45
CA GLY B 68 -9.08 -17.25 -3.72
C GLY B 68 -8.84 -16.74 -5.12
N ASP B 69 -9.80 -16.96 -6.01
CA ASP B 69 -9.71 -16.50 -7.40
C ASP B 69 -9.99 -15.00 -7.48
N ILE B 70 -9.18 -14.27 -8.22
CA ILE B 70 -9.42 -12.85 -8.40
C ILE B 70 -9.67 -12.58 -9.90
N LEU B 71 -10.79 -11.91 -10.18
CA LEU B 71 -11.18 -11.59 -11.54
C LEU B 71 -11.04 -10.11 -11.77
N LEU B 72 -10.70 -9.75 -13.00
CA LEU B 72 -10.56 -8.35 -13.36
C LEU B 72 -11.50 -8.08 -14.55
N PHE B 73 -12.38 -7.09 -14.39
CA PHE B 73 -13.30 -6.70 -15.45
C PHE B 73 -12.98 -5.27 -15.85
N PRO B 74 -12.35 -5.09 -17.01
CA PRO B 74 -12.03 -3.74 -17.46
C PRO B 74 -13.33 -3.05 -17.90
N PRO B 75 -13.29 -1.72 -18.06
CA PRO B 75 -14.45 -0.94 -18.49
C PRO B 75 -15.03 -1.50 -19.78
N GLY B 76 -16.35 -1.50 -19.90
CA GLY B 76 -16.98 -1.98 -21.12
C GLY B 76 -17.11 -3.48 -21.26
N GLU B 77 -16.33 -4.23 -20.49
CA GLU B 77 -16.40 -5.69 -20.51
C GLU B 77 -17.77 -6.10 -20.01
N ILE B 78 -18.30 -7.21 -20.53
CA ILE B 78 -19.58 -7.70 -20.06
C ILE B 78 -19.43 -8.15 -18.59
N HIS B 79 -20.40 -7.78 -17.77
CA HIS B 79 -20.43 -8.26 -16.40
C HIS B 79 -21.65 -9.19 -16.38
N HIS B 80 -21.42 -10.49 -16.34
CA HIS B 80 -22.54 -11.42 -16.25
C HIS B 80 -22.11 -12.57 -15.39
N TYR B 81 -22.39 -12.47 -14.09
CA TYR B 81 -21.96 -13.50 -13.17
C TYR B 81 -22.89 -13.54 -11.96
N GLY B 82 -22.89 -14.69 -11.33
CA GLY B 82 -23.74 -14.91 -10.18
C GLY B 82 -23.34 -16.19 -9.51
N ARG B 83 -24.04 -16.54 -8.45
CA ARG B 83 -23.76 -17.75 -7.72
C ARG B 83 -23.85 -18.99 -8.63
N HIS B 84 -22.89 -19.89 -8.48
CA HIS B 84 -22.90 -21.11 -9.25
C HIS B 84 -24.18 -21.84 -8.80
N PRO B 85 -25.01 -22.28 -9.76
CA PRO B 85 -26.26 -22.99 -9.44
C PRO B 85 -26.16 -24.21 -8.55
N GLU B 86 -24.97 -24.79 -8.46
CA GLU B 86 -24.75 -25.96 -7.63
C GLU B 86 -24.06 -25.63 -6.30
N ALA B 87 -23.96 -24.33 -6.00
CA ALA B 87 -23.32 -23.90 -4.76
C ALA B 87 -24.35 -23.15 -3.93
N ARG B 88 -24.31 -23.34 -2.62
CA ARG B 88 -25.25 -22.67 -1.76
C ARG B 88 -24.97 -21.18 -1.67
N GLU B 89 -23.74 -20.79 -1.98
CA GLU B 89 -23.41 -19.37 -1.87
C GLU B 89 -22.27 -18.95 -2.78
N TRP B 90 -22.12 -17.64 -2.90
CA TRP B 90 -21.03 -17.04 -3.63
C TRP B 90 -20.76 -15.68 -2.99
N TYR B 91 -19.82 -15.66 -2.05
CA TYR B 91 -19.44 -14.43 -1.39
C TYR B 91 -18.25 -13.94 -2.15
N HIS B 92 -18.30 -12.70 -2.60
CA HIS B 92 -17.17 -12.13 -3.32
C HIS B 92 -16.96 -10.68 -2.91
N GLN B 93 -15.70 -10.30 -2.73
CA GLN B 93 -15.39 -8.92 -2.42
C GLN B 93 -15.12 -8.31 -3.77
N TRP B 94 -15.35 -7.02 -3.87
CA TRP B 94 -15.12 -6.36 -5.14
C TRP B 94 -14.75 -4.92 -4.92
N VAL B 95 -14.07 -4.36 -5.89
CA VAL B 95 -13.72 -2.97 -5.83
C VAL B 95 -13.86 -2.40 -7.24
N TYR B 96 -14.68 -1.36 -7.33
CA TYR B 96 -14.92 -0.62 -8.56
C TYR B 96 -13.98 0.57 -8.52
N PHE B 97 -13.22 0.78 -9.58
CA PHE B 97 -12.27 1.87 -9.52
C PHE B 97 -11.83 2.33 -10.88
N ARG B 98 -11.21 3.51 -10.90
CA ARG B 98 -10.61 4.07 -12.10
C ARG B 98 -9.15 4.00 -11.68
N PRO B 99 -8.30 3.44 -12.53
CA PRO B 99 -6.88 3.33 -12.18
C PRO B 99 -6.06 4.61 -12.36
N ARG B 100 -4.87 4.61 -11.75
CA ARG B 100 -3.97 5.72 -11.98
C ARG B 100 -3.40 5.39 -13.36
N ALA B 101 -2.93 6.40 -14.08
CA ALA B 101 -2.40 6.22 -15.43
C ALA B 101 -1.37 5.10 -15.54
N TYR B 102 -0.45 5.08 -14.58
CA TYR B 102 0.64 4.11 -14.62
C TYR B 102 0.28 2.71 -14.16
N TRP B 103 -0.99 2.48 -13.84
CA TRP B 103 -1.41 1.16 -13.42
C TRP B 103 -1.64 0.20 -14.57
N HIS B 104 -1.79 0.74 -15.77
CA HIS B 104 -2.13 -0.12 -16.90
C HIS B 104 -1.33 -1.37 -17.20
N GLU B 105 -0.02 -1.30 -17.04
CA GLU B 105 0.81 -2.49 -17.26
C GLU B 105 0.38 -3.60 -16.30
N TRP B 106 -0.01 -3.20 -15.09
CA TRP B 106 -0.43 -4.13 -14.04
C TRP B 106 -1.88 -4.56 -14.15
N LEU B 107 -2.57 -4.06 -15.17
CA LEU B 107 -3.96 -4.41 -15.40
C LEU B 107 -4.11 -5.35 -16.59
N ASN B 108 -2.98 -5.86 -17.07
CA ASN B 108 -2.94 -6.79 -18.21
C ASN B 108 -2.85 -8.20 -17.65
N TRP B 109 -4.01 -8.80 -17.40
CA TRP B 109 -4.10 -10.15 -16.83
C TRP B 109 -4.59 -11.10 -17.91
N PRO B 110 -4.14 -12.36 -17.87
CA PRO B 110 -4.60 -13.33 -18.88
C PRO B 110 -6.12 -13.53 -18.76
N SER B 111 -6.81 -13.43 -19.89
CA SER B 111 -8.25 -13.57 -19.93
C SER B 111 -8.75 -15.00 -19.87
N ILE B 112 -9.82 -15.23 -19.11
CA ILE B 112 -10.46 -16.54 -19.08
C ILE B 112 -11.24 -16.61 -20.42
N PHE B 113 -11.65 -15.44 -20.90
CA PHE B 113 -12.35 -15.25 -22.18
C PHE B 113 -12.54 -13.77 -22.35
N ALA B 114 -12.84 -13.34 -23.58
CA ALA B 114 -13.04 -11.93 -23.90
C ALA B 114 -11.86 -11.17 -23.28
N ASN B 115 -12.12 -10.15 -22.48
CA ASN B 115 -11.04 -9.43 -21.81
C ASN B 115 -11.27 -9.45 -20.29
N THR B 116 -11.78 -10.57 -19.80
CA THR B 116 -12.05 -10.73 -18.37
C THR B 116 -10.86 -11.51 -17.81
N GLY B 117 -10.07 -10.83 -16.96
CA GLY B 117 -8.85 -11.43 -16.44
C GLY B 117 -9.01 -12.23 -15.18
N PHE B 118 -7.96 -12.97 -14.85
CA PHE B 118 -7.98 -13.83 -13.70
C PHE B 118 -6.58 -13.90 -13.12
N PHE B 119 -6.52 -13.87 -11.80
CA PHE B 119 -5.26 -14.02 -11.08
C PHE B 119 -5.58 -14.81 -9.84
N ARG B 120 -4.76 -15.82 -9.55
CA ARG B 120 -4.94 -16.60 -8.34
C ARG B 120 -3.60 -16.75 -7.65
N PRO B 121 -3.45 -16.15 -6.46
CA PRO B 121 -2.18 -16.25 -5.72
C PRO B 121 -1.96 -17.73 -5.40
N ASP B 122 -0.72 -18.15 -5.24
CA ASP B 122 -0.49 -19.54 -4.84
C ASP B 122 -0.96 -19.67 -3.38
N GLU B 123 -1.10 -20.90 -2.90
CA GLU B 123 -1.56 -21.12 -1.54
C GLU B 123 -0.81 -20.36 -0.47
N ALA B 124 0.51 -20.27 -0.63
CA ALA B 124 1.35 -19.56 0.34
C ALA B 124 1.00 -18.09 0.45
N HIS B 125 0.57 -17.49 -0.66
CA HIS B 125 0.24 -16.06 -0.68
C HIS B 125 -1.25 -15.77 -0.59
N GLN B 126 -2.07 -16.81 -0.60
CA GLN B 126 -3.52 -16.60 -0.52
C GLN B 126 -3.94 -15.71 0.66
N PRO B 127 -3.51 -16.05 1.88
CA PRO B 127 -3.87 -15.25 3.06
C PRO B 127 -3.50 -13.76 2.93
N HIS B 128 -2.32 -13.47 2.39
CA HIS B 128 -1.89 -12.10 2.23
C HIS B 128 -2.77 -11.32 1.26
N PHE B 129 -3.10 -11.94 0.14
CA PHE B 129 -3.95 -11.25 -0.82
C PHE B 129 -5.35 -11.06 -0.28
N SER B 130 -5.87 -12.08 0.40
CA SER B 130 -7.20 -11.97 0.97
C SER B 130 -7.23 -10.85 2.01
N ASP B 131 -6.19 -10.82 2.84
CA ASP B 131 -6.07 -9.79 3.87
C ASP B 131 -6.02 -8.39 3.22
N LEU B 132 -5.21 -8.27 2.18
CA LEU B 132 -5.04 -7.01 1.47
C LEU B 132 -6.36 -6.60 0.79
N PHE B 133 -7.04 -7.57 0.20
CA PHE B 133 -8.30 -7.26 -0.45
C PHE B 133 -9.26 -6.70 0.59
N GLY B 134 -9.28 -7.31 1.78
CA GLY B 134 -10.13 -6.82 2.84
C GLY B 134 -9.77 -5.40 3.27
N GLN B 135 -8.47 -5.08 3.26
CA GLN B 135 -8.05 -3.75 3.61
C GLN B 135 -8.57 -2.75 2.59
N ILE B 136 -8.61 -3.16 1.33
CA ILE B 136 -9.12 -2.29 0.27
C ILE B 136 -10.56 -1.99 0.54
N ILE B 137 -11.32 -3.02 0.88
CA ILE B 137 -12.75 -2.84 1.16
C ILE B 137 -12.93 -1.91 2.35
N ASN B 138 -12.19 -2.17 3.44
CA ASN B 138 -12.31 -1.32 4.63
C ASN B 138 -12.00 0.14 4.33
N ALA B 139 -10.93 0.37 3.56
CA ALA B 139 -10.57 1.73 3.19
C ALA B 139 -11.60 2.38 2.25
N GLY B 140 -12.04 1.60 1.26
CA GLY B 140 -12.98 2.12 0.28
C GLY B 140 -14.30 2.52 0.87
N GLN B 141 -14.66 1.86 1.98
CA GLN B 141 -15.91 2.13 2.66
C GLN B 141 -15.79 3.20 3.73
N GLY B 142 -14.60 3.74 3.92
CA GLY B 142 -14.42 4.78 4.91
C GLY B 142 -14.99 6.05 4.33
N GLU B 143 -15.27 7.03 5.18
CA GLU B 143 -15.80 8.30 4.69
C GLU B 143 -14.78 9.41 4.89
N GLY B 144 -13.65 9.05 5.51
CA GLY B 144 -12.60 10.03 5.78
C GLY B 144 -12.11 10.69 4.51
N ARG B 145 -11.48 11.85 4.67
CA ARG B 145 -10.97 12.62 3.55
C ARG B 145 -9.95 11.84 2.72
N TYR B 146 -9.22 10.95 3.38
CA TYR B 146 -8.20 10.17 2.70
C TYR B 146 -8.60 8.72 2.45
N SER B 147 -9.86 8.39 2.69
CA SER B 147 -10.34 7.03 2.51
C SER B 147 -10.16 6.51 1.08
N GLU B 148 -10.68 7.27 0.12
CA GLU B 148 -10.57 6.86 -1.25
C GLU B 148 -9.10 6.74 -1.66
N LEU B 149 -8.28 7.70 -1.25
CA LEU B 149 -6.87 7.66 -1.58
C LEU B 149 -6.22 6.43 -1.00
N LEU B 150 -6.61 6.06 0.20
CA LEU B 150 -6.05 4.86 0.82
C LEU B 150 -6.50 3.59 0.07
N ALA B 151 -7.77 3.56 -0.34
CA ALA B 151 -8.30 2.41 -1.07
C ALA B 151 -7.52 2.27 -2.36
N ILE B 152 -7.35 3.40 -3.05
CA ILE B 152 -6.61 3.43 -4.31
C ILE B 152 -5.20 2.91 -4.05
N ASN B 153 -4.59 3.40 -2.99
CA ASN B 153 -3.24 2.98 -2.64
C ASN B 153 -3.15 1.47 -2.37
N LEU B 154 -4.10 0.94 -1.63
CA LEU B 154 -4.12 -0.48 -1.31
C LEU B 154 -4.35 -1.33 -2.55
N LEU B 155 -5.17 -0.83 -3.45
CA LEU B 155 -5.45 -1.50 -4.71
C LEU B 155 -4.16 -1.52 -5.53
N GLU B 156 -3.39 -0.43 -5.48
CA GLU B 156 -2.13 -0.38 -6.19
C GLU B 156 -1.20 -1.43 -5.57
N GLN B 157 -1.25 -1.54 -4.24
CA GLN B 157 -0.42 -2.55 -3.57
C GLN B 157 -0.76 -3.94 -4.08
N LEU B 158 -2.06 -4.22 -4.20
CA LEU B 158 -2.50 -5.53 -4.66
C LEU B 158 -1.98 -5.78 -6.07
N LEU B 159 -2.14 -4.79 -6.94
CA LEU B 159 -1.68 -4.94 -8.31
C LEU B 159 -0.19 -5.22 -8.32
N LEU B 160 0.54 -4.53 -7.46
CA LEU B 160 1.98 -4.73 -7.41
C LEU B 160 2.37 -6.08 -6.82
N ARG B 161 1.63 -6.53 -5.80
CA ARG B 161 1.89 -7.84 -5.20
C ARG B 161 1.67 -8.92 -6.26
N ARG B 162 0.65 -8.71 -7.11
CA ARG B 162 0.39 -9.65 -8.20
C ARG B 162 1.60 -9.64 -9.14
N MET B 163 2.04 -8.45 -9.54
CA MET B 163 3.21 -8.35 -10.42
C MET B 163 4.39 -9.13 -9.82
N GLU B 164 4.59 -8.98 -8.52
CA GLU B 164 5.65 -9.71 -7.83
C GLU B 164 5.39 -11.23 -7.89
N ALA B 165 4.18 -11.64 -7.57
CA ALA B 165 3.79 -13.05 -7.55
C ALA B 165 3.99 -13.78 -8.87
N ILE B 166 3.47 -13.20 -9.95
CA ILE B 166 3.57 -13.81 -11.26
C ILE B 166 5.01 -13.87 -11.75
N ASN B 167 5.86 -13.06 -11.14
CA ASN B 167 7.27 -13.01 -11.50
C ASN B 167 8.17 -13.66 -10.45
#